data_4RYK
#
_entry.id   4RYK
#
_cell.length_a   86.310
_cell.length_b   103.930
_cell.length_c   112.810
_cell.angle_alpha   90.00
_cell.angle_beta   90.00
_cell.angle_gamma   90.00
#
_symmetry.space_group_name_H-M   'I 21 21 21'
#
loop_
_entity.id
_entity.type
_entity.pdbx_description
1 polymer 'Lmo0325 protein'
2 branched beta-D-fructofuranose-(2-1)-alpha-D-glucopyranose
3 non-polymer 'L(+)-TARTARIC ACID'
4 non-polymer DI(HYDROXYETHYL)ETHER
5 water water
#
_entity_poly.entity_id   1
_entity_poly.type   'polypeptide(L)'
_entity_poly.pdbx_seq_one_letter_code
;HHHHHH(MSE)GSYGELIREIRLSKGLTQKEVYTGIISRSYAIGFEKGKHEITLSLFEEILKRI(MSE)VPLDEFFFIYR
DFSSTEDDSFWIDFVELSGKNDVVG(MSE)QALLDKITLERTEQSEVRKAILHTRIQTINHYLRTNVFDESNISDEYKKI
IHDYLWK(MSE)QTWTLEEVRIFSNGISFFEEEVQIHFYQI(MSE)LKSYEKYRYYDRGRLLFCHLFANLTDELIIQNKI
NYANLVLEKLKEASETSGSFNSAFYRIVANYYQGAIW(MSE)KEGEVEKGYRQAKRAIQTWKELHYEAIADLYSVVLKQF
LEKENIQVED
;
_entity_poly.pdbx_strand_id   A
#
loop_
_chem_comp.id
_chem_comp.type
_chem_comp.name
_chem_comp.formula
FRU D-saccharide, beta linking beta-D-fructofuranose 'C6 H12 O6'
GLC D-saccharide, alpha linking alpha-D-glucopyranose 'C6 H12 O6'
PEG non-polymer DI(HYDROXYETHYL)ETHER 'C4 H10 O3'
TLA non-polymer 'L(+)-TARTARIC ACID' 'C4 H6 O6'
#
# COMPACT_ATOMS: atom_id res chain seq x y z
N HIS A 4 0.65 13.55 12.89
CA HIS A 4 -0.20 14.74 12.54
C HIS A 4 -0.03 15.91 13.54
N HIS A 5 0.41 15.56 14.75
CA HIS A 5 0.49 16.44 15.91
C HIS A 5 1.92 16.98 15.93
N HIS A 6 2.03 18.30 15.85
CA HIS A 6 3.10 18.92 15.07
C HIS A 6 4.26 19.53 15.86
N SER A 9 1.55 25.81 13.42
CA SER A 9 1.18 26.26 12.05
C SER A 9 2.28 26.05 11.03
N TYR A 10 1.88 25.94 9.75
CA TYR A 10 2.84 25.75 8.66
C TYR A 10 3.91 26.85 8.68
N GLY A 11 3.49 28.09 8.84
CA GLY A 11 4.41 29.23 8.75
C GLY A 11 5.42 29.24 9.88
N GLU A 12 5.01 28.75 11.04
CA GLU A 12 5.92 28.70 12.18
C GLU A 12 7.03 27.72 11.90
N LEU A 13 6.71 26.61 11.23
CA LEU A 13 7.74 25.65 10.85
C LEU A 13 8.67 26.19 9.74
N ILE A 14 8.07 26.88 8.77
CA ILE A 14 8.85 27.48 7.73
C ILE A 14 9.88 28.43 8.36
N ARG A 15 9.45 29.22 9.32
N ARG A 15 9.47 29.23 9.32
CA ARG A 15 10.34 30.15 10.00
CA ARG A 15 10.41 30.16 9.96
C ARG A 15 11.53 29.43 10.62
C ARG A 15 11.56 29.42 10.59
N GLU A 16 11.25 28.36 11.33
CA GLU A 16 12.30 27.60 12.01
C GLU A 16 13.27 27.00 11.00
N ILE A 17 12.72 26.47 9.90
CA ILE A 17 13.60 25.93 8.88
C ILE A 17 14.45 27.01 8.22
N ARG A 18 13.78 28.09 7.83
CA ARG A 18 14.47 29.25 7.29
C ARG A 18 15.61 29.70 8.18
N LEU A 19 15.33 29.85 9.47
CA LEU A 19 16.36 30.24 10.40
C LEU A 19 17.50 29.22 10.49
N SER A 20 17.18 27.93 10.44
CA SER A 20 18.23 26.89 10.61
C SER A 20 19.19 27.00 9.41
N LYS A 21 18.70 27.51 8.28
CA LYS A 21 19.54 27.60 7.07
C LYS A 21 20.26 28.93 6.91
N GLY A 22 20.03 29.84 7.85
CA GLY A 22 20.63 31.15 7.81
C GLY A 22 20.04 32.02 6.70
N LEU A 23 18.80 31.78 6.31
CA LEU A 23 18.15 32.55 5.24
C LEU A 23 17.36 33.72 5.77
N THR A 24 17.37 34.80 5.01
CA THR A 24 16.64 36.00 5.42
C THR A 24 15.19 35.90 4.92
N GLN A 25 14.30 36.67 5.52
CA GLN A 25 12.94 36.83 5.04
C GLN A 25 12.96 37.44 3.68
N LYS A 26 13.82 38.41 3.50
CA LYS A 26 13.95 39.02 2.21
C LYS A 26 14.24 37.98 1.11
N GLU A 27 15.16 37.08 1.30
CA GLU A 27 15.42 36.17 0.21
C GLU A 27 14.43 35.03 0.09
N VAL A 28 13.71 34.71 1.16
CA VAL A 28 12.74 33.64 1.04
C VAL A 28 11.43 34.15 0.37
N TYR A 29 10.99 35.36 0.73
CA TYR A 29 9.64 35.80 0.39
C TYR A 29 9.49 36.78 -0.76
N THR A 30 10.60 37.44 -1.14
CA THR A 30 10.56 38.48 -2.14
C THR A 30 10.04 37.95 -3.46
N GLY A 31 9.07 38.67 -4.00
CA GLY A 31 8.38 38.28 -5.22
C GLY A 31 7.30 37.24 -4.98
N ILE A 32 7.14 36.75 -3.75
CA ILE A 32 6.07 35.76 -3.52
C ILE A 32 4.95 36.44 -2.73
N ILE A 33 5.30 36.95 -1.57
CA ILE A 33 4.39 37.74 -0.75
C ILE A 33 5.15 38.88 -0.09
N SER A 34 4.40 39.85 0.38
CA SER A 34 4.98 41.05 0.91
C SER A 34 5.56 40.80 2.27
N ARG A 35 6.34 41.78 2.66
CA ARG A 35 7.03 41.75 3.90
C ARG A 35 6.11 41.44 5.05
N SER A 36 5.07 42.22 5.21
CA SER A 36 4.25 42.05 6.39
C SER A 36 3.39 40.82 6.31
N TYR A 37 3.04 40.43 5.10
CA TYR A 37 2.30 39.20 4.97
C TYR A 37 3.19 38.05 5.45
N ALA A 38 4.48 38.10 5.08
CA ALA A 38 5.43 37.07 5.48
C ALA A 38 5.60 37.00 7.02
N ILE A 39 5.68 38.16 7.64
CA ILE A 39 5.74 38.27 9.09
C ILE A 39 4.53 37.63 9.73
N GLY A 40 3.34 37.95 9.25
CA GLY A 40 2.13 37.31 9.74
C GLY A 40 2.10 35.81 9.53
N PHE A 41 2.44 35.36 8.34
CA PHE A 41 2.47 33.93 8.01
C PHE A 41 3.40 33.20 8.98
N GLU A 42 4.58 33.77 9.26
CA GLU A 42 5.54 33.11 10.16
C GLU A 42 5.10 33.08 11.63
N LYS A 43 4.15 33.92 12.00
CA LYS A 43 3.54 33.86 13.33
C LYS A 43 2.26 33.06 13.36
N GLY A 44 1.88 32.48 12.24
CA GLY A 44 0.63 31.75 12.17
C GLY A 44 -0.60 32.64 12.12
N LYS A 45 -0.44 33.87 11.67
CA LYS A 45 -1.58 34.71 11.58
C LYS A 45 -2.20 34.78 10.20
N HIS A 46 -1.60 34.15 9.19
CA HIS A 46 -2.20 34.12 7.85
C HIS A 46 -2.19 32.73 7.27
N GLU A 47 -3.32 32.28 6.74
CA GLU A 47 -3.44 31.01 6.00
C GLU A 47 -2.82 31.15 4.61
N ILE A 48 -1.78 30.40 4.33
CA ILE A 48 -1.15 30.52 3.01
C ILE A 48 -1.97 29.75 1.95
N THR A 49 -2.05 30.25 0.72
CA THR A 49 -2.54 29.39 -0.37
C THR A 49 -1.52 28.37 -0.73
N LEU A 50 -2.00 27.25 -1.23
CA LEU A 50 -1.12 26.19 -1.66
C LEU A 50 -0.15 26.59 -2.78
N SER A 51 -0.58 27.41 -3.74
CA SER A 51 0.35 27.79 -4.81
C SER A 51 1.45 28.68 -4.28
N LEU A 52 1.16 29.56 -3.34
CA LEU A 52 2.19 30.41 -2.78
C LEU A 52 3.12 29.59 -1.92
N PHE A 53 2.52 28.62 -1.23
CA PHE A 53 3.28 27.76 -0.35
C PHE A 53 4.34 26.95 -1.12
N GLU A 54 4.00 26.42 -2.29
CA GLU A 54 4.97 25.68 -3.12
C GLU A 54 6.15 26.57 -3.49
N GLU A 55 5.90 27.85 -3.76
CA GLU A 55 7.01 28.75 -4.14
C GLU A 55 7.91 29.00 -2.96
N ILE A 56 7.32 29.13 -1.77
CA ILE A 56 8.12 29.36 -0.54
C ILE A 56 8.97 28.14 -0.25
N LEU A 57 8.37 26.96 -0.38
CA LEU A 57 9.13 25.72 -0.16
C LEU A 57 10.34 25.63 -1.04
N LYS A 58 10.20 26.11 -2.27
CA LYS A 58 11.32 26.10 -3.18
C LYS A 58 12.42 27.01 -2.69
N ARG A 59 12.06 28.11 -2.09
CA ARG A 59 13.06 29.05 -1.59
C ARG A 59 13.85 28.52 -0.39
N ILE A 60 13.31 27.56 0.35
CA ILE A 60 14.03 26.99 1.46
C ILE A 60 14.51 25.60 1.10
N MSE A 61 14.30 25.16 -0.16
CA MSE A 61 14.78 23.86 -0.63
C MSE A 61 14.26 22.69 0.17
O MSE A 61 15.02 21.77 0.55
CB MSE A 61 16.29 23.87 -0.59
CG MSE A 61 16.79 24.49 -1.88
SE MSE A 61 17.38 26.23 -1.30
CE MSE A 61 19.13 25.54 -0.61
N VAL A 62 12.97 22.70 0.45
CA VAL A 62 12.36 21.58 1.11
C VAL A 62 11.16 21.13 0.28
N PRO A 63 11.20 19.94 -0.31
CA PRO A 63 10.00 19.47 -1.07
C PRO A 63 8.81 19.33 -0.13
N LEU A 64 7.65 19.55 -0.68
CA LEU A 64 6.38 19.42 0.02
C LEU A 64 6.28 18.18 0.90
N ASP A 65 6.61 17.01 0.37
CA ASP A 65 6.42 15.80 1.16
C ASP A 65 7.37 15.79 2.38
N GLU A 66 8.59 16.32 2.21
CA GLU A 66 9.58 16.35 3.33
C GLU A 66 9.05 17.33 4.34
N PHE A 67 8.49 18.44 3.86
CA PHE A 67 7.96 19.40 4.79
C PHE A 67 6.91 18.72 5.68
N PHE A 68 6.00 17.93 5.05
CA PHE A 68 4.96 17.33 5.85
C PHE A 68 5.47 16.25 6.77
N PHE A 69 6.51 15.56 6.35
CA PHE A 69 7.15 14.63 7.23
C PHE A 69 7.64 15.34 8.50
N ILE A 70 8.34 16.47 8.34
CA ILE A 70 8.82 17.29 9.47
C ILE A 70 7.64 17.80 10.28
N TYR A 71 6.64 18.29 9.57
CA TYR A 71 5.46 18.93 10.16
C TYR A 71 4.66 18.02 11.02
N ARG A 72 4.55 16.74 10.65
CA ARG A 72 3.89 15.76 11.53
C ARG A 72 4.86 15.22 12.59
N ASP A 73 5.86 16.00 12.96
CA ASP A 73 6.86 15.62 13.94
C ASP A 73 7.51 14.26 13.59
N PHE A 74 8.02 14.21 12.35
CA PHE A 74 8.88 13.12 11.83
C PHE A 74 8.31 11.73 11.96
N SER A 75 7.02 11.56 11.68
CA SER A 75 6.40 10.26 11.83
C SER A 75 5.80 9.77 10.52
N SER A 76 4.60 10.18 10.15
CA SER A 76 4.00 9.64 8.95
C SER A 76 4.26 10.51 7.72
N THR A 77 4.12 9.85 6.57
CA THR A 77 4.05 10.49 5.24
C THR A 77 2.59 10.57 4.73
N GLU A 78 1.60 10.21 5.55
CA GLU A 78 0.18 10.53 5.28
C GLU A 78 -0.55 11.11 6.54
N ASP A 79 -1.36 12.13 6.24
CA ASP A 79 -2.38 12.70 7.14
C ASP A 79 -3.33 11.62 7.69
N ASP A 80 -3.96 10.92 6.74
CA ASP A 80 -5.02 9.96 7.00
C ASP A 80 -4.32 8.62 7.19
N SER A 81 -4.38 8.09 8.40
CA SER A 81 -3.63 6.90 8.72
C SER A 81 -4.50 5.65 8.66
N PHE A 82 -5.69 5.73 8.02
CA PHE A 82 -6.56 4.56 7.98
C PHE A 82 -5.81 3.33 7.54
N TRP A 83 -5.15 3.37 6.39
CA TRP A 83 -4.62 2.13 5.82
C TRP A 83 -3.42 1.59 6.64
N ILE A 84 -2.59 2.49 7.10
CA ILE A 84 -1.50 2.12 8.02
C ILE A 84 -2.08 1.41 9.26
N ASP A 85 -3.07 2.04 9.88
CA ASP A 85 -3.66 1.47 11.11
C ASP A 85 -4.31 0.16 10.82
N PHE A 86 -5.03 0.09 9.71
CA PHE A 86 -5.79 -1.12 9.42
C PHE A 86 -4.88 -2.32 9.18
N VAL A 87 -3.82 -2.06 8.45
CA VAL A 87 -2.85 -3.08 8.13
C VAL A 87 -2.16 -3.60 9.40
N GLU A 88 -1.76 -2.68 10.25
CA GLU A 88 -1.18 -3.08 11.52
C GLU A 88 -2.16 -3.92 12.35
N LEU A 89 -3.39 -3.47 12.50
CA LEU A 89 -4.39 -4.24 13.25
C LEU A 89 -4.68 -5.61 12.61
N SER A 90 -4.92 -5.62 11.30
CA SER A 90 -5.13 -6.87 10.56
C SER A 90 -4.01 -7.85 10.82
N GLY A 91 -2.80 -7.34 10.61
CA GLY A 91 -1.59 -8.11 10.76
C GLY A 91 -1.45 -8.83 12.08
N LYS A 92 -1.77 -8.17 13.19
CA LYS A 92 -1.79 -8.88 14.48
C LYS A 92 -3.22 -9.16 14.99
N ASN A 93 -4.17 -9.25 14.04
CA ASN A 93 -5.54 -9.79 14.30
C ASN A 93 -6.30 -9.17 15.45
N ASP A 94 -6.08 -7.89 15.64
CA ASP A 94 -6.53 -7.27 16.85
C ASP A 94 -7.95 -6.71 16.64
N VAL A 95 -8.93 -7.51 17.05
CA VAL A 95 -10.33 -7.26 16.75
C VAL A 95 -10.82 -6.14 17.65
N VAL A 96 -10.32 -6.08 18.89
CA VAL A 96 -10.64 -4.97 19.77
C VAL A 96 -10.15 -3.64 19.19
N GLY A 97 -8.93 -3.60 18.67
CA GLY A 97 -8.42 -2.37 18.02
C GLY A 97 -9.19 -1.97 16.75
N MSE A 98 -9.59 -2.94 15.94
CA MSE A 98 -10.37 -2.63 14.75
C MSE A 98 -11.68 -2.05 15.12
O MSE A 98 -12.17 -1.14 14.43
CB MSE A 98 -10.72 -3.87 13.98
CG MSE A 98 -9.44 -4.57 13.62
SE MSE A 98 -9.83 -5.53 11.98
CE MSE A 98 -8.17 -6.54 11.99
N GLN A 99 -12.30 -2.59 16.16
CA GLN A 99 -13.61 -2.06 16.57
C GLN A 99 -13.48 -0.59 17.02
N ALA A 100 -12.39 -0.27 17.69
CA ALA A 100 -12.11 1.12 18.07
C ALA A 100 -11.86 2.01 16.86
N LEU A 101 -11.07 1.51 15.91
CA LEU A 101 -10.93 2.24 14.67
C LEU A 101 -12.29 2.44 13.99
N LEU A 102 -13.13 1.43 14.03
CA LEU A 102 -14.46 1.55 13.44
C LEU A 102 -15.32 2.58 14.15
N ASP A 103 -15.33 2.55 15.48
CA ASP A 103 -16.05 3.57 16.28
C ASP A 103 -15.58 5.00 15.96
N LYS A 104 -14.27 5.18 15.84
CA LYS A 104 -13.75 6.52 15.55
C LYS A 104 -14.25 7.05 14.22
N ILE A 105 -14.00 6.32 13.13
CA ILE A 105 -14.40 6.80 11.80
C ILE A 105 -15.91 6.92 11.67
N THR A 106 -16.63 6.15 12.45
CA THR A 106 -18.05 6.30 12.55
C THR A 106 -18.48 7.68 13.08
N LEU A 107 -17.77 8.23 14.07
CA LEU A 107 -18.15 9.54 14.63
C LEU A 107 -17.96 10.72 13.68
N GLU A 108 -16.99 10.65 12.79
CA GLU A 108 -16.91 11.61 11.68
C GLU A 108 -18.16 11.46 10.75
N ARG A 109 -18.51 10.22 10.42
CA ARG A 109 -19.58 9.86 9.45
C ARG A 109 -19.75 10.76 8.21
N THR A 110 -18.63 11.06 7.60
CA THR A 110 -18.48 11.08 6.17
C THR A 110 -19.32 9.94 5.56
N GLU A 111 -20.11 10.27 4.54
CA GLU A 111 -20.90 9.28 3.78
C GLU A 111 -20.04 8.25 3.04
N GLN A 112 -18.94 8.69 2.42
CA GLN A 112 -18.04 7.82 1.64
C GLN A 112 -17.08 6.96 2.50
N SER A 113 -17.10 7.16 3.81
CA SER A 113 -16.37 6.28 4.69
C SER A 113 -17.11 4.92 4.73
N GLU A 114 -18.25 4.82 4.02
CA GLU A 114 -19.03 3.56 3.94
C GLU A 114 -18.18 2.37 3.53
N VAL A 115 -17.34 2.56 2.52
CA VAL A 115 -16.54 1.42 2.03
C VAL A 115 -15.50 1.05 3.04
N ARG A 116 -14.85 2.04 3.63
CA ARG A 116 -13.84 1.73 4.66
C ARG A 116 -14.47 1.07 5.83
N LYS A 117 -15.62 1.55 6.23
CA LYS A 117 -16.36 0.88 7.34
C LYS A 117 -16.75 -0.52 7.00
N ALA A 118 -17.17 -0.75 5.75
CA ALA A 118 -17.55 -2.10 5.35
C ALA A 118 -16.34 -3.03 5.44
N ILE A 119 -15.18 -2.51 5.07
CA ILE A 119 -13.97 -3.35 5.12
C ILE A 119 -13.67 -3.77 6.54
N LEU A 120 -13.73 -2.82 7.44
CA LEU A 120 -13.51 -3.08 8.82
C LEU A 120 -14.53 -4.07 9.38
N HIS A 121 -15.82 -3.84 9.10
CA HIS A 121 -16.84 -4.75 9.59
C HIS A 121 -16.56 -6.14 9.12
N THR A 122 -16.26 -6.33 7.83
CA THR A 122 -16.06 -7.68 7.34
C THR A 122 -14.87 -8.32 8.02
N ARG A 123 -13.85 -7.51 8.29
CA ARG A 123 -12.63 -8.04 8.90
C ARG A 123 -12.92 -8.42 10.34
N ILE A 124 -13.74 -7.63 11.02
CA ILE A 124 -14.13 -8.03 12.40
C ILE A 124 -15.00 -9.31 12.43
N GLN A 125 -15.97 -9.45 11.53
CA GLN A 125 -16.75 -10.70 11.47
C GLN A 125 -15.85 -11.90 11.12
N THR A 126 -14.95 -11.76 10.15
CA THR A 126 -14.05 -12.85 9.81
C THR A 126 -13.15 -13.30 10.97
N ILE A 127 -12.52 -12.34 11.65
CA ILE A 127 -11.62 -12.68 12.76
C ILE A 127 -12.39 -13.34 13.92
N ASN A 128 -13.50 -12.75 14.35
CA ASN A 128 -14.29 -13.36 15.42
C ASN A 128 -14.84 -14.79 15.14
N HIS A 129 -15.36 -15.07 13.93
CA HIS A 129 -15.69 -16.45 13.48
C HIS A 129 -14.48 -17.36 13.62
N TYR A 130 -13.32 -16.95 13.09
CA TYR A 130 -12.08 -17.74 13.22
C TYR A 130 -11.73 -18.04 14.68
N LEU A 131 -11.92 -17.08 15.58
CA LEU A 131 -11.77 -17.29 17.05
C LEU A 131 -12.71 -18.34 17.67
N ARG A 132 -13.86 -18.61 17.05
CA ARG A 132 -14.80 -19.65 17.52
C ARG A 132 -14.75 -20.98 16.74
N THR A 133 -14.18 -20.98 15.53
CA THR A 133 -14.16 -22.17 14.65
C THR A 133 -12.74 -22.31 14.11
N ASN A 134 -12.49 -23.27 13.23
CA ASN A 134 -11.23 -23.30 12.45
C ASN A 134 -11.28 -22.23 11.32
N VAL A 135 -12.27 -22.35 10.43
CA VAL A 135 -12.43 -21.45 9.28
C VAL A 135 -12.84 -20.02 9.67
N SER A 139 -15.01 -15.35 6.47
CA SER A 139 -15.58 -16.69 6.27
C SER A 139 -17.05 -16.73 6.74
N ASN A 140 -17.46 -15.75 7.55
CA ASN A 140 -18.83 -15.65 8.14
C ASN A 140 -19.57 -14.35 7.74
N ILE A 141 -19.25 -13.83 6.56
CA ILE A 141 -19.46 -12.40 6.24
C ILE A 141 -20.81 -12.02 5.61
N SER A 142 -21.37 -10.92 6.11
CA SER A 142 -22.58 -10.32 5.56
C SER A 142 -22.49 -9.97 4.09
N ASP A 143 -23.54 -10.31 3.36
CA ASP A 143 -23.68 -9.87 2.00
C ASP A 143 -23.71 -8.37 1.92
N GLU A 144 -24.29 -7.69 2.92
CA GLU A 144 -24.44 -6.23 2.88
C GLU A 144 -23.10 -5.52 2.72
N TYR A 145 -22.08 -6.00 3.42
CA TYR A 145 -20.80 -5.32 3.35
C TYR A 145 -20.08 -5.65 2.07
N LYS A 146 -20.24 -6.86 1.56
CA LYS A 146 -19.61 -7.20 0.28
C LYS A 146 -20.27 -6.41 -0.85
N LYS A 147 -21.57 -6.25 -0.76
CA LYS A 147 -22.29 -5.44 -1.73
C LYS A 147 -21.81 -3.99 -1.72
N ILE A 148 -21.61 -3.42 -0.55
CA ILE A 148 -21.14 -2.04 -0.48
C ILE A 148 -19.79 -1.89 -1.19
N ILE A 149 -18.91 -2.83 -0.98
CA ILE A 149 -17.58 -2.75 -1.56
C ILE A 149 -17.66 -2.96 -3.07
N HIS A 150 -18.40 -3.99 -3.48
CA HIS A 150 -18.62 -4.22 -4.90
C HIS A 150 -19.17 -2.98 -5.60
N ASP A 151 -20.18 -2.39 -4.98
CA ASP A 151 -20.90 -1.29 -5.63
C ASP A 151 -20.10 0.00 -5.66
N TYR A 152 -19.19 0.19 -4.72
CA TYR A 152 -18.28 1.32 -4.80
C TYR A 152 -17.36 1.23 -6.03
N LEU A 153 -16.73 0.08 -6.24
CA LEU A 153 -15.85 -0.09 -7.39
C LEU A 153 -16.58 -0.22 -8.75
N TRP A 154 -17.77 -0.84 -8.71
CA TRP A 154 -18.63 -1.02 -9.90
C TRP A 154 -18.80 0.25 -10.65
N LYS A 155 -18.60 0.15 -11.94
CA LYS A 155 -18.74 1.27 -12.90
C LYS A 155 -17.68 2.39 -12.81
N MSE A 156 -16.70 2.28 -11.92
CA MSE A 156 -15.58 3.25 -11.96
C MSE A 156 -14.65 2.87 -13.09
O MSE A 156 -14.38 1.67 -13.35
CB MSE A 156 -14.79 3.24 -10.66
CG MSE A 156 -15.59 3.75 -9.49
SE MSE A 156 -14.52 3.82 -7.82
CE MSE A 156 -13.05 4.88 -8.51
N GLN A 157 -14.16 3.86 -13.78
CA GLN A 157 -13.37 3.62 -14.99
C GLN A 157 -11.90 3.82 -14.74
N THR A 158 -11.60 4.62 -13.72
CA THR A 158 -10.19 4.91 -13.38
C THR A 158 -10.07 4.90 -11.85
N TRP A 159 -8.95 4.33 -11.39
CA TRP A 159 -8.68 4.09 -9.97
C TRP A 159 -7.54 4.98 -9.52
N THR A 160 -7.63 5.49 -8.31
CA THR A 160 -6.47 5.98 -7.60
C THR A 160 -6.01 4.86 -6.67
N LEU A 161 -4.98 5.11 -5.85
CA LEU A 161 -4.47 4.01 -5.04
C LEU A 161 -5.44 3.53 -3.98
N GLU A 162 -6.37 4.38 -3.57
CA GLU A 162 -7.43 3.97 -2.66
C GLU A 162 -8.17 2.72 -3.18
N GLU A 163 -8.51 2.70 -4.46
CA GLU A 163 -9.26 1.57 -5.00
C GLU A 163 -8.38 0.36 -5.14
N VAL A 164 -7.10 0.57 -5.41
CA VAL A 164 -6.12 -0.51 -5.45
C VAL A 164 -6.08 -1.20 -4.08
N ARG A 165 -6.07 -0.41 -3.01
CA ARG A 165 -6.11 -1.00 -1.67
C ARG A 165 -7.44 -1.67 -1.37
N ILE A 166 -8.53 -1.05 -1.79
CA ILE A 166 -9.84 -1.66 -1.55
C ILE A 166 -9.91 -3.02 -2.25
N PHE A 167 -9.51 -3.03 -3.53
CA PHE A 167 -9.57 -4.21 -4.37
C PHE A 167 -8.77 -5.28 -3.72
N SER A 168 -7.62 -4.93 -3.21
CA SER A 168 -6.82 -5.98 -2.67
C SER A 168 -7.44 -6.62 -1.38
N ASN A 169 -8.30 -5.93 -0.62
CA ASN A 169 -9.06 -6.61 0.46
C ASN A 169 -10.33 -7.31 -0.01
N GLY A 170 -10.97 -6.70 -0.99
CA GLY A 170 -12.25 -7.17 -1.42
C GLY A 170 -12.22 -8.31 -2.43
N ILE A 171 -11.06 -8.77 -2.85
CA ILE A 171 -11.07 -9.47 -4.12
C ILE A 171 -11.85 -10.78 -4.11
N SER A 172 -11.74 -11.49 -3.01
CA SER A 172 -12.40 -12.78 -2.87
C SER A 172 -13.93 -12.60 -2.77
N PHE A 173 -14.42 -11.37 -2.57
CA PHE A 173 -15.85 -11.16 -2.52
C PHE A 173 -16.55 -11.19 -3.88
N PHE A 174 -15.80 -11.16 -4.97
CA PHE A 174 -16.43 -10.99 -6.28
C PHE A 174 -16.40 -12.28 -7.07
N GLU A 175 -17.38 -12.46 -7.95
CA GLU A 175 -17.30 -13.52 -8.95
C GLU A 175 -16.08 -13.31 -9.85
N GLU A 176 -15.65 -14.41 -10.46
CA GLU A 176 -14.47 -14.40 -11.28
C GLU A 176 -14.56 -13.40 -12.41
N GLU A 177 -15.71 -13.27 -13.05
CA GLU A 177 -15.81 -12.36 -14.16
C GLU A 177 -15.53 -10.93 -13.72
N VAL A 178 -16.05 -10.60 -12.54
CA VAL A 178 -15.96 -9.28 -11.97
C VAL A 178 -14.52 -9.05 -11.47
N GLN A 179 -13.92 -10.06 -10.84
CA GLN A 179 -12.52 -9.97 -10.43
C GLN A 179 -11.66 -9.62 -11.62
N ILE A 180 -11.87 -10.30 -12.75
CA ILE A 180 -11.08 -10.03 -13.96
C ILE A 180 -11.31 -8.65 -14.54
N HIS A 181 -12.57 -8.25 -14.60
CA HIS A 181 -12.91 -6.92 -15.05
C HIS A 181 -12.27 -5.83 -14.16
N PHE A 182 -12.32 -5.98 -12.85
CA PHE A 182 -11.68 -5.01 -11.98
C PHE A 182 -10.14 -5.01 -12.16
N TYR A 183 -9.56 -6.19 -12.24
CA TYR A 183 -8.16 -6.34 -12.55
C TYR A 183 -7.73 -5.56 -13.82
N GLN A 184 -8.49 -5.69 -14.91
CA GLN A 184 -8.22 -4.92 -16.12
C GLN A 184 -8.30 -3.42 -15.85
N ILE A 185 -9.27 -2.94 -15.12
CA ILE A 185 -9.26 -1.51 -14.75
C ILE A 185 -8.04 -1.10 -13.90
N MSE A 186 -7.72 -1.91 -12.88
CA MSE A 186 -6.52 -1.77 -12.00
C MSE A 186 -5.33 -1.60 -12.94
O MSE A 186 -4.47 -0.73 -12.73
CB MSE A 186 -6.34 -2.95 -10.95
CG MSE A 186 -5.26 -3.21 -9.72
SE MSE A 186 -3.60 -3.80 -10.73
CE MSE A 186 -4.28 -5.61 -10.59
N LEU A 187 -5.20 -2.45 -13.95
CA LEU A 187 -4.00 -2.40 -14.81
C LEU A 187 -3.79 -1.04 -15.45
N LYS A 188 -4.84 -0.33 -15.82
CA LYS A 188 -4.68 1.02 -16.39
C LYS A 188 -4.05 1.97 -15.37
N SER A 189 -4.35 1.80 -14.11
CA SER A 189 -3.74 2.69 -13.14
C SER A 189 -2.30 2.24 -12.82
N TYR A 190 -2.06 0.93 -12.79
CA TYR A 190 -0.73 0.41 -12.67
C TYR A 190 0.23 1.06 -13.69
N GLU A 191 -0.21 1.22 -14.93
CA GLU A 191 0.63 1.75 -15.98
C GLU A 191 1.10 3.20 -15.70
N LYS A 192 0.28 4.00 -15.04
CA LYS A 192 0.67 5.33 -14.55
C LYS A 192 1.57 5.22 -13.33
N TYR A 193 1.10 4.43 -12.39
CA TYR A 193 1.66 4.45 -11.05
C TYR A 193 2.94 3.63 -10.88
N ARG A 194 3.36 2.88 -11.89
CA ARG A 194 4.50 2.02 -11.73
C ARG A 194 5.76 2.87 -11.61
N TYR A 195 5.72 4.11 -12.05
CA TYR A 195 6.83 5.03 -11.85
C TYR A 195 6.69 5.87 -10.54
N TYR A 196 5.69 5.57 -9.74
CA TYR A 196 5.52 6.28 -8.48
C TYR A 196 6.16 5.37 -7.40
N ASP A 197 7.16 5.88 -6.70
CA ASP A 197 7.85 5.07 -5.70
C ASP A 197 6.88 4.36 -4.78
N ARG A 198 5.91 5.08 -4.24
CA ARG A 198 4.97 4.47 -3.30
C ARG A 198 3.98 3.53 -3.99
N GLY A 199 3.55 3.88 -5.19
CA GLY A 199 2.55 3.10 -5.86
C GLY A 199 3.16 1.83 -6.35
N ARG A 200 4.39 1.92 -6.80
CA ARG A 200 5.06 0.73 -7.29
C ARG A 200 5.08 -0.40 -6.27
N LEU A 201 5.37 -0.11 -5.03
CA LEU A 201 5.46 -1.16 -4.03
C LEU A 201 4.08 -1.73 -3.67
N LEU A 202 3.07 -0.88 -3.65
CA LEU A 202 1.69 -1.36 -3.47
C LEU A 202 1.27 -2.27 -4.61
N PHE A 203 1.58 -1.91 -5.87
CA PHE A 203 1.27 -2.84 -6.93
C PHE A 203 2.04 -4.16 -6.81
N CYS A 204 3.34 -4.11 -6.45
CA CYS A 204 4.11 -5.33 -6.27
C CYS A 204 3.48 -6.26 -5.28
N HIS A 205 3.13 -5.71 -4.14
CA HIS A 205 2.46 -6.44 -3.10
C HIS A 205 1.15 -7.09 -3.60
N LEU A 206 0.34 -6.32 -4.30
CA LEU A 206 -0.93 -6.84 -4.78
C LEU A 206 -0.65 -7.96 -5.80
N PHE A 207 0.27 -7.74 -6.74
CA PHE A 207 0.53 -8.72 -7.78
C PHE A 207 1.10 -10.01 -7.17
N ALA A 208 1.94 -9.86 -6.15
CA ALA A 208 2.45 -11.03 -5.40
C ALA A 208 1.32 -11.84 -4.80
N ASN A 209 0.40 -11.14 -4.13
CA ASN A 209 -0.78 -11.80 -3.52
C ASN A 209 -1.64 -12.54 -4.50
N LEU A 210 -1.90 -11.91 -5.63
CA LEU A 210 -2.70 -12.57 -6.66
C LEU A 210 -2.00 -13.79 -7.26
N THR A 211 -0.70 -13.65 -7.52
CA THR A 211 0.04 -14.73 -8.12
C THR A 211 -0.03 -15.94 -7.17
N ASP A 212 0.18 -15.67 -5.90
CA ASP A 212 0.16 -16.70 -4.87
C ASP A 212 -1.21 -17.39 -4.88
N GLU A 213 -2.26 -16.60 -4.92
CA GLU A 213 -3.62 -17.18 -4.86
C GLU A 213 -3.96 -17.96 -6.12
N LEU A 214 -3.46 -17.50 -7.27
CA LEU A 214 -3.73 -18.18 -8.51
C LEU A 214 -2.99 -19.48 -8.57
N ILE A 215 -1.77 -19.49 -8.06
CA ILE A 215 -1.01 -20.74 -8.05
C ILE A 215 -1.78 -21.78 -7.24
N ILE A 216 -2.09 -21.44 -5.99
CA ILE A 216 -2.88 -22.29 -5.09
C ILE A 216 -4.13 -22.82 -5.72
N GLN A 217 -4.80 -22.01 -6.52
CA GLN A 217 -5.97 -22.47 -7.25
C GLN A 217 -5.65 -23.12 -8.59
N ASN A 218 -4.37 -23.31 -8.91
CA ASN A 218 -4.02 -24.00 -10.12
C ASN A 218 -4.52 -23.33 -11.40
N LYS A 219 -4.58 -22.00 -11.40
CA LYS A 219 -4.89 -21.25 -12.60
C LYS A 219 -3.60 -20.72 -13.12
N ILE A 220 -2.86 -21.58 -13.80
CA ILE A 220 -1.45 -21.35 -14.13
C ILE A 220 -1.22 -20.34 -15.27
N ASN A 221 -2.11 -20.35 -16.26
CA ASN A 221 -2.10 -19.29 -17.29
C ASN A 221 -2.18 -17.91 -16.66
N TYR A 222 -3.16 -17.74 -15.79
CA TYR A 222 -3.35 -16.47 -15.12
C TYR A 222 -2.19 -16.14 -14.18
N ALA A 223 -1.67 -17.14 -13.48
CA ALA A 223 -0.57 -16.94 -12.57
C ALA A 223 0.62 -16.42 -13.34
N ASN A 224 0.86 -16.98 -14.51
CA ASN A 224 1.92 -16.49 -15.39
C ASN A 224 1.68 -15.07 -15.80
N LEU A 225 0.43 -14.72 -16.09
CA LEU A 225 0.17 -13.33 -16.48
C LEU A 225 0.49 -12.37 -15.38
N VAL A 226 0.00 -12.68 -14.19
CA VAL A 226 0.18 -11.80 -13.06
C VAL A 226 1.66 -11.74 -12.61
N LEU A 227 2.35 -12.88 -12.63
CA LEU A 227 3.77 -12.90 -12.34
C LEU A 227 4.53 -11.97 -13.26
N GLU A 228 4.21 -11.99 -14.56
CA GLU A 228 4.91 -11.11 -15.51
C GLU A 228 4.75 -9.63 -15.09
N LYS A 229 3.60 -9.29 -14.51
CA LYS A 229 3.39 -7.93 -14.03
C LYS A 229 4.19 -7.64 -12.79
N LEU A 230 4.27 -8.61 -11.91
CA LEU A 230 5.08 -8.47 -10.71
C LEU A 230 6.57 -8.26 -11.12
N LYS A 231 7.04 -9.05 -12.08
CA LYS A 231 8.40 -8.90 -12.62
C LYS A 231 8.59 -7.49 -13.18
N GLU A 232 7.69 -7.08 -14.06
CA GLU A 232 7.80 -5.76 -14.65
C GLU A 232 7.75 -4.64 -13.61
N ALA A 233 6.80 -4.72 -12.74
CA ALA A 233 6.62 -3.69 -11.71
C ALA A 233 7.89 -3.59 -10.85
N SER A 234 8.43 -4.75 -10.44
CA SER A 234 9.60 -4.79 -9.54
C SER A 234 10.91 -4.35 -10.23
N GLU A 235 10.90 -4.32 -11.56
CA GLU A 235 12.06 -3.98 -12.34
C GLU A 235 11.93 -2.65 -13.02
N THR A 236 10.86 -1.94 -12.72
CA THR A 236 10.53 -0.71 -13.37
C THR A 236 11.60 0.34 -13.14
N SER A 237 12.03 0.91 -14.26
CA SER A 237 13.06 1.94 -14.35
C SER A 237 14.33 1.64 -13.55
N GLY A 238 14.66 0.34 -13.48
CA GLY A 238 15.85 -0.19 -12.78
C GLY A 238 15.85 0.08 -11.28
N SER A 239 14.68 0.37 -10.72
CA SER A 239 14.52 0.81 -9.32
C SER A 239 15.25 0.00 -8.24
N PHE A 240 15.95 0.78 -7.41
CA PHE A 240 16.52 0.18 -6.19
C PHE A 240 15.47 -0.18 -5.17
N ASN A 241 14.34 0.55 -5.10
CA ASN A 241 13.48 0.38 -3.94
C ASN A 241 12.66 -0.88 -3.99
N SER A 242 12.75 -1.69 -5.04
CA SER A 242 11.85 -2.82 -5.21
C SER A 242 12.57 -4.12 -5.30
N ALA A 243 13.82 -4.11 -4.87
CA ALA A 243 14.62 -5.34 -4.81
C ALA A 243 13.92 -6.46 -4.07
N PHE A 244 13.30 -6.14 -2.95
CA PHE A 244 12.61 -7.15 -2.18
C PHE A 244 11.61 -7.93 -3.05
N TYR A 245 10.84 -7.23 -3.84
CA TYR A 245 9.85 -7.87 -4.67
C TYR A 245 10.42 -8.62 -5.86
N ARG A 246 11.66 -8.34 -6.22
CA ARG A 246 12.34 -9.17 -7.23
C ARG A 246 12.62 -10.54 -6.64
N ILE A 247 12.81 -10.60 -5.32
CA ILE A 247 13.06 -11.89 -4.68
C ILE A 247 11.74 -12.67 -4.70
N VAL A 248 10.68 -11.96 -4.35
CA VAL A 248 9.33 -12.55 -4.38
C VAL A 248 9.01 -13.11 -5.75
N ALA A 249 9.26 -12.30 -6.79
CA ALA A 249 9.07 -12.76 -8.18
C ALA A 249 9.90 -14.00 -8.52
N ASN A 250 11.15 -14.04 -8.04
CA ASN A 250 11.98 -15.23 -8.24
C ASN A 250 11.38 -16.45 -7.57
N TYR A 251 10.88 -16.29 -6.33
CA TYR A 251 10.20 -17.36 -5.65
C TYR A 251 9.00 -17.91 -6.48
N TYR A 252 8.10 -17.04 -6.87
CA TYR A 252 6.92 -17.51 -7.64
C TYR A 252 7.23 -18.09 -9.03
N GLN A 253 8.29 -17.62 -9.69
CA GLN A 253 8.71 -18.16 -10.98
C GLN A 253 9.16 -19.60 -10.74
N GLY A 254 9.80 -19.81 -9.58
CA GLY A 254 10.21 -21.13 -9.18
C GLY A 254 9.04 -22.07 -9.03
N ALA A 255 8.01 -21.62 -8.32
CA ALA A 255 6.84 -22.42 -8.08
C ALA A 255 6.13 -22.77 -9.38
N ILE A 256 5.98 -21.79 -10.26
CA ILE A 256 5.36 -22.01 -11.55
C ILE A 256 6.14 -22.97 -12.43
N TRP A 257 7.45 -22.87 -12.39
CA TRP A 257 8.25 -23.86 -13.08
C TRP A 257 7.98 -25.26 -12.57
N MSE A 258 7.84 -25.43 -11.27
CA MSE A 258 7.54 -26.75 -10.73
C MSE A 258 6.24 -27.28 -11.27
O MSE A 258 6.13 -28.42 -11.64
CB MSE A 258 7.52 -26.75 -9.21
CG MSE A 258 8.92 -26.44 -8.68
SE MSE A 258 9.12 -26.79 -6.77
CE MSE A 258 8.70 -24.98 -6.15
N LYS A 259 5.26 -26.43 -11.33
CA LYS A 259 3.98 -26.77 -11.90
C LYS A 259 4.03 -26.99 -13.40
N GLU A 260 4.98 -26.39 -14.09
CA GLU A 260 5.07 -26.61 -15.52
C GLU A 260 5.97 -27.78 -15.83
N GLY A 261 6.16 -28.69 -14.87
CA GLY A 261 7.11 -29.80 -15.00
C GLY A 261 8.61 -29.50 -14.99
N GLU A 262 9.02 -28.27 -14.72
CA GLU A 262 10.43 -27.93 -14.71
C GLU A 262 10.88 -27.97 -13.24
N VAL A 263 10.75 -29.14 -12.64
CA VAL A 263 10.70 -29.27 -11.19
C VAL A 263 11.98 -28.95 -10.48
N GLU A 264 13.08 -29.48 -10.96
CA GLU A 264 14.31 -29.27 -10.19
C GLU A 264 14.81 -27.84 -10.34
N LYS A 265 14.58 -27.27 -11.52
CA LYS A 265 14.94 -25.88 -11.82
C LYS A 265 14.06 -24.95 -10.97
N GLY A 266 12.77 -25.27 -10.91
CA GLY A 266 11.81 -24.50 -10.10
C GLY A 266 12.13 -24.58 -8.61
N TYR A 267 12.37 -25.78 -8.14
CA TYR A 267 12.71 -25.98 -6.75
C TYR A 267 13.98 -25.25 -6.33
N ARG A 268 15.04 -25.34 -7.14
CA ARG A 268 16.29 -24.67 -6.79
C ARG A 268 16.10 -23.14 -6.79
N GLN A 269 15.27 -22.63 -7.68
CA GLN A 269 15.06 -21.21 -7.72
C GLN A 269 14.30 -20.75 -6.49
N ALA A 270 13.29 -21.50 -6.09
CA ALA A 270 12.49 -21.18 -4.90
C ALA A 270 13.33 -21.24 -3.63
N LYS A 271 14.12 -22.28 -3.49
CA LYS A 271 15.08 -22.39 -2.39
C LYS A 271 16.10 -21.26 -2.38
N ARG A 272 16.51 -20.80 -3.55
CA ARG A 272 17.45 -19.71 -3.63
C ARG A 272 16.80 -18.39 -3.14
N ALA A 273 15.52 -18.17 -3.45
CA ALA A 273 14.86 -16.98 -2.98
C ALA A 273 14.78 -16.97 -1.44
N ILE A 274 14.39 -18.10 -0.85
CA ILE A 274 14.35 -18.23 0.60
C ILE A 274 15.71 -17.95 1.26
N GLN A 275 16.76 -18.53 0.71
CA GLN A 275 18.11 -18.29 1.20
C GLN A 275 18.51 -16.83 1.08
N THR A 276 18.03 -16.18 0.02
CA THR A 276 18.33 -14.80 -0.21
C THR A 276 17.66 -13.95 0.83
N TRP A 277 16.39 -14.24 1.14
CA TRP A 277 15.75 -13.50 2.22
C TRP A 277 16.54 -13.68 3.55
N LYS A 278 17.08 -14.87 3.77
CA LYS A 278 17.88 -15.09 4.98
C LYS A 278 19.13 -14.27 4.96
N GLU A 279 19.81 -14.27 3.82
CA GLU A 279 21.10 -13.59 3.73
C GLU A 279 20.96 -12.09 3.88
N LEU A 280 19.77 -11.58 3.54
CA LEU A 280 19.47 -10.16 3.63
C LEU A 280 18.71 -9.80 4.91
N HIS A 281 18.68 -10.70 5.88
CA HIS A 281 18.21 -10.43 7.25
C HIS A 281 16.68 -10.19 7.26
N TYR A 282 15.97 -10.85 6.33
CA TYR A 282 14.52 -10.92 6.36
C TYR A 282 14.15 -12.31 6.83
N GLU A 283 14.51 -12.65 8.06
CA GLU A 283 14.34 -14.04 8.53
C GLU A 283 12.87 -14.46 8.60
N ALA A 284 12.05 -13.58 9.11
CA ALA A 284 10.63 -13.92 9.26
C ALA A 284 9.99 -14.17 7.89
N ILE A 285 10.38 -13.41 6.88
CA ILE A 285 9.89 -13.65 5.55
C ILE A 285 10.39 -15.00 5.05
N ALA A 286 11.67 -15.30 5.26
CA ALA A 286 12.20 -16.59 4.79
C ALA A 286 11.43 -17.75 5.40
N ASP A 287 11.13 -17.65 6.69
CA ASP A 287 10.43 -18.69 7.44
C ASP A 287 9.04 -18.88 6.90
N LEU A 288 8.37 -17.77 6.66
CA LEU A 288 7.04 -17.84 6.12
C LEU A 288 7.03 -18.50 4.75
N TYR A 289 7.98 -18.15 3.87
CA TYR A 289 7.98 -18.74 2.53
C TYR A 289 8.39 -20.18 2.54
N SER A 290 9.22 -20.61 3.51
CA SER A 290 9.48 -22.04 3.73
C SER A 290 8.24 -22.86 3.99
N VAL A 291 7.30 -22.30 4.74
CA VAL A 291 6.02 -22.94 4.98
C VAL A 291 5.22 -22.99 3.68
N VAL A 292 5.16 -21.87 2.98
CA VAL A 292 4.48 -21.88 1.72
C VAL A 292 5.04 -22.97 0.83
N LEU A 293 6.35 -23.10 0.84
CA LEU A 293 7.00 -23.99 -0.11
C LEU A 293 6.67 -25.44 0.24
N LYS A 294 6.76 -25.76 1.52
CA LYS A 294 6.46 -27.11 1.95
C LYS A 294 5.03 -27.53 1.64
N GLN A 295 4.09 -26.63 1.87
CA GLN A 295 2.67 -26.94 1.66
C GLN A 295 2.45 -27.10 0.17
N PHE A 296 3.13 -26.29 -0.60
CA PHE A 296 3.00 -26.37 -2.04
C PHE A 296 3.52 -27.73 -2.54
N LEU A 297 4.67 -28.16 -2.05
CA LEU A 297 5.22 -29.44 -2.47
C LEU A 297 4.26 -30.57 -2.13
N GLU A 298 3.65 -30.50 -0.96
CA GLU A 298 2.62 -31.43 -0.60
C GLU A 298 1.34 -31.37 -1.43
N LYS A 299 0.68 -30.22 -1.51
CA LYS A 299 -0.52 -30.13 -2.31
C LYS A 299 -0.18 -30.64 -3.70
N GLU A 300 0.83 -30.07 -4.32
CA GLU A 300 1.15 -30.45 -5.69
C GLU A 300 1.72 -31.84 -5.76
N ASN A 301 2.11 -32.38 -4.62
CA ASN A 301 2.54 -33.75 -4.53
C ASN A 301 3.89 -33.94 -5.25
N ILE A 302 4.87 -33.10 -4.91
CA ILE A 302 6.14 -33.01 -5.67
C ILE A 302 7.33 -33.61 -4.89
N GLN A 303 8.33 -34.14 -5.63
CA GLN A 303 9.56 -34.73 -5.07
C GLN A 303 10.76 -34.27 -5.90
C1 GLC B . 3.55 41.39 -3.43
C2 GLC B . 3.06 40.63 -4.68
C3 GLC B . 4.20 39.90 -5.35
C4 GLC B . 5.32 40.93 -5.37
C5 GLC B . 5.88 40.77 -3.96
C6 GLC B . 7.07 41.67 -3.60
O2 GLC B . 2.04 39.68 -4.36
O3 GLC B . 3.86 39.41 -6.64
O4 GLC B . 6.21 40.69 -6.47
O5 GLC B . 4.86 40.99 -2.97
O6 GLC B . 7.87 40.84 -2.74
O2 FRU B . 2.62 41.18 -2.36
O1 TLA C . 9.26 5.85 -19.31
O11 TLA C . 7.25 6.70 -19.67
C1 TLA C . 8.27 6.54 -18.95
C2 TLA C . 8.27 7.18 -17.59
O2 TLA C . 7.61 8.46 -17.64
C3 TLA C . 9.68 7.30 -16.98
O3 TLA C . 10.66 7.71 -17.95
C4 TLA C . 9.68 8.25 -15.79
O4 TLA C . 8.64 8.88 -15.49
O41 TLA C . 10.72 8.36 -15.12
C1 PEG D . -5.95 -11.81 -16.71
O1 PEG D . -6.89 -11.98 -17.79
C2 PEG D . -6.21 -12.77 -15.55
O2 PEG D . -5.94 -12.14 -14.28
C3 PEG D . -6.40 -12.76 -13.08
C4 PEG D . -7.00 -11.69 -12.18
O4 PEG D . -7.94 -12.24 -11.23
#